data_6C6E
#
_entry.id   6C6E
#
_cell.length_a   42.221
_cell.length_b   106.140
_cell.length_c   107.301
_cell.angle_alpha   90.000
_cell.angle_beta   90.000
_cell.angle_gamma   90.000
#
_symmetry.space_group_name_H-M   'P 21 21 21'
#
loop_
_entity.id
_entity.type
_entity.pdbx_description
1 polymer 'Antigen-presenting glycoprotein CD1d1'
2 polymer Beta-2-microglobulin
3 branched 2-acetamido-2-deoxy-beta-D-glucopyranose-(1-4)-2-acetamido-2-deoxy-beta-D-glucopyranose
4 non-polymer 2-acetamido-2-deoxy-beta-D-glucopyranose
5 non-polymer N-[(2S,3S,4R)-3,4-dihydroxy-8-oxo-8-[(6-phenylhexyl)amino]-1-{[(2S,3R,4S,5R,6R)-3,4,5-trihydroxy-6-(hydroxymethyl)tetrahydro-2H-pyran-2-yl]oxy}octan-2-yl]hexacosanamide
6 non-polymer 'SODIUM ION'
7 water water
#
loop_
_entity_poly.entity_id
_entity_poly.type
_entity_poly.pdbx_seq_one_letter_code
_entity_poly.pdbx_strand_id
1 'polypeptide(L)'
;SEAQQKNYTFRCLQMSSFANRSWSRTDSVVWLGDLQTHRWSNDSATISFTKPWSQGKLSNQQWEKLQHMFQVYRVSFTRD
IQELVKMMSPKEDYPIEIQLSAGCEMYPGNASESFLHVAFQGKYVVRFWGTSWQTVPGAPSWLDLPIKVLNADQGTSATV
QMLLNDTCPLFVRGLLEAGKSDLEKQEKPVAWLSSVPSSAHGHRQLVCHVSGFYPKPVWVMWMRGDQEQQGTHRGDFLPN
ADETWYLQATLDVEAGEEAGLACRVKHSSLGGQDIILYWHHHHHH
;
A
2 'polypeptide(L)'
;IQKTPQIQVYSRHPPENGKPNILNCYVTQFHPPHIEIQMLKNGKKIPKVEMSDMSFSKDWSFYILAHTEFTPTETDTYAC
RVKHASMAEPKTVYWDRDM
;
B
#
# COMPACT_ATOMS: atom_id res chain seq x y z
N ASN A 7 -3.20 -17.61 -8.13
CA ASN A 7 -3.57 -16.43 -8.99
C ASN A 7 -3.13 -15.09 -8.32
N TYR A 8 -1.89 -14.66 -8.58
CA TYR A 8 -1.27 -13.51 -7.86
C TYR A 8 -0.84 -12.40 -8.79
N THR A 9 -0.77 -11.18 -8.25
CA THR A 9 -0.13 -10.05 -8.94
C THR A 9 1.23 -9.73 -8.28
N PHE A 10 2.30 -9.74 -9.07
CA PHE A 10 3.63 -9.38 -8.66
C PHE A 10 3.91 -7.99 -9.21
N ARG A 11 4.26 -7.07 -8.35
CA ARG A 11 4.55 -5.72 -8.76
C ARG A 11 5.75 -5.05 -8.09
N CYS A 12 6.61 -4.54 -8.91
CA CYS A 12 7.78 -3.77 -8.54
C CYS A 12 7.41 -2.31 -8.77
N LEU A 13 7.43 -1.57 -7.70
CA LEU A 13 7.11 -0.20 -7.69
C LEU A 13 8.29 0.68 -7.39
N GLN A 14 8.55 1.58 -8.30
CA GLN A 14 9.64 2.56 -8.17
C GLN A 14 9.02 3.93 -8.01
N MET A 15 9.59 4.71 -7.09
CA MET A 15 9.15 6.06 -6.78
C MET A 15 10.38 6.94 -6.84
N SER A 16 10.37 7.90 -7.75
CA SER A 16 11.50 8.78 -7.96
C SER A 16 11.06 10.22 -7.79
N SER A 17 11.79 10.98 -6.99
CA SER A 17 11.51 12.40 -6.79
C SER A 17 12.71 13.22 -7.22
N PHE A 18 12.45 14.22 -8.04
CA PHE A 18 13.44 15.20 -8.50
C PHE A 18 13.00 16.57 -8.03
N ALA A 19 13.66 17.10 -7.01
CA ALA A 19 13.34 18.41 -6.46
C ALA A 19 14.11 19.53 -7.19
N ASN A 20 15.34 19.25 -7.60
CA ASN A 20 16.14 20.19 -8.41
C ASN A 20 17.23 19.46 -9.21
N ARG A 21 18.07 20.23 -9.90
CA ARG A 21 19.32 19.75 -10.54
C ARG A 21 20.21 18.84 -9.66
N SER A 22 20.26 19.14 -8.36
CA SER A 22 21.17 18.48 -7.42
C SER A 22 20.51 17.41 -6.53
N TRP A 23 19.19 17.49 -6.29
CA TRP A 23 18.49 16.58 -5.37
C TRP A 23 17.50 15.62 -6.07
N SER A 24 17.75 14.32 -5.94
CA SER A 24 16.83 13.31 -6.40
C SER A 24 16.94 12.09 -5.51
N ARG A 25 15.87 11.31 -5.42
CA ARG A 25 15.96 10.01 -4.82
C ARG A 25 14.98 9.07 -5.47
N THR A 26 15.35 7.81 -5.48
CA THR A 26 14.57 6.75 -6.07
C THR A 26 14.47 5.61 -5.05
N ASP A 27 13.23 5.25 -4.71
CA ASP A 27 12.93 4.20 -3.73
C ASP A 27 12.00 3.18 -4.34
N SER A 28 12.26 1.90 -4.11
CA SER A 28 11.38 0.86 -4.63
C SER A 28 10.87 -0.09 -3.57
N VAL A 29 9.71 -0.68 -3.85
CA VAL A 29 9.17 -1.77 -3.07
C VAL A 29 8.62 -2.81 -4.03
N VAL A 30 8.66 -4.07 -3.62
CA VAL A 30 8.11 -5.16 -4.42
C VAL A 30 7.08 -5.93 -3.61
N TRP A 31 5.98 -6.30 -4.26
CA TRP A 31 4.88 -7.02 -3.65
C TRP A 31 4.54 -8.28 -4.43
N LEU A 32 4.28 -9.35 -3.70
CA LEU A 32 3.70 -10.54 -4.28
C LEU A 32 2.33 -10.66 -3.60
N GLY A 33 1.30 -10.33 -4.37
CA GLY A 33 -0.03 -10.09 -3.86
C GLY A 33 0.06 -8.97 -2.86
N ASP A 34 -0.31 -9.27 -1.62
CA ASP A 34 -0.30 -8.26 -0.57
C ASP A 34 0.83 -8.44 0.45
N LEU A 35 1.80 -9.32 0.17
CA LEU A 35 3.01 -9.42 1.00
C LEU A 35 4.21 -8.73 0.32
N GLN A 36 4.93 -7.92 1.08
CA GLN A 36 6.13 -7.29 0.60
C GLN A 36 7.28 -8.30 0.58
N THR A 37 7.94 -8.39 -0.54
CA THR A 37 9.07 -9.25 -0.73
C THR A 37 10.38 -8.51 -0.78
N HIS A 38 10.37 -7.28 -1.26
CA HIS A 38 11.59 -6.51 -1.38
C HIS A 38 11.42 -5.02 -1.06
N ARG A 39 12.51 -4.43 -0.66
CA ARG A 39 12.68 -3.02 -0.45
C ARG A 39 14.04 -2.62 -1.04
N TRP A 40 14.04 -1.56 -1.80
CA TRP A 40 15.24 -1.00 -2.37
C TRP A 40 15.33 0.53 -2.15
N SER A 41 15.92 0.89 -1.04
CA SER A 41 16.07 2.27 -0.69
C SER A 41 17.10 3.02 -1.49
N ASN A 42 16.85 4.31 -1.70
CA ASN A 42 17.86 5.17 -2.35
C ASN A 42 19.22 5.04 -1.68
N ASP A 43 19.22 4.90 -0.36
CA ASP A 43 20.45 4.90 0.45
C ASP A 43 21.26 3.62 0.33
N SER A 44 20.67 2.56 -0.20
CA SER A 44 21.31 1.26 -0.29
C SER A 44 21.79 0.89 -1.70
N ALA A 45 22.99 0.33 -1.77
CA ALA A 45 23.57 -0.19 -3.01
C ALA A 45 22.79 -1.41 -3.52
N THR A 46 22.31 -2.22 -2.60
CA THR A 46 21.73 -3.50 -2.89
C THR A 46 20.27 -3.53 -2.53
N ILE A 47 19.55 -4.46 -3.18
CA ILE A 47 18.15 -4.72 -2.95
C ILE A 47 18.04 -5.58 -1.69
N SER A 48 17.16 -5.20 -0.78
CA SER A 48 17.01 -5.91 0.51
C SER A 48 15.85 -6.88 0.40
N PHE A 49 16.03 -8.08 0.96
CA PHE A 49 14.93 -9.04 1.05
C PHE A 49 14.13 -8.72 2.29
N THR A 50 12.80 -8.73 2.19
CA THR A 50 11.91 -8.59 3.34
C THR A 50 11.21 -9.91 3.63
N LYS A 51 11.63 -11.00 2.97
CA LYS A 51 11.19 -12.34 3.32
C LYS A 51 12.39 -13.28 3.23
N PRO A 52 12.36 -14.39 3.99
CA PRO A 52 13.42 -15.41 3.85
C PRO A 52 13.51 -15.97 2.43
N TRP A 53 12.37 -16.04 1.76
CA TRP A 53 12.23 -16.60 0.42
C TRP A 53 12.27 -15.60 -0.74
N SER A 54 12.76 -14.39 -0.50
CA SER A 54 12.68 -13.30 -1.51
C SER A 54 13.55 -13.51 -2.75
N GLN A 55 14.52 -14.41 -2.67
CA GLN A 55 15.34 -14.74 -3.83
C GLN A 55 14.66 -15.79 -4.71
N GLY A 56 13.49 -16.29 -4.27
CA GLY A 56 12.74 -17.26 -5.03
C GLY A 56 13.58 -18.51 -5.23
N LYS A 57 13.58 -19.04 -6.46
CA LYS A 57 14.44 -20.16 -6.83
C LYS A 57 15.59 -19.75 -7.77
N LEU A 58 15.97 -18.48 -7.77
CA LEU A 58 17.16 -18.04 -8.48
C LEU A 58 18.39 -18.34 -7.64
N SER A 59 19.47 -18.71 -8.30
CA SER A 59 20.75 -18.90 -7.65
C SER A 59 21.36 -17.55 -7.33
N ASN A 60 22.38 -17.59 -6.50
CA ASN A 60 23.14 -16.39 -6.18
C ASN A 60 23.71 -15.66 -7.41
N GLN A 61 24.20 -16.42 -8.39
CA GLN A 61 24.70 -15.87 -9.64
C GLN A 61 23.60 -15.15 -10.41
N GLN A 62 22.47 -15.83 -10.61
CA GLN A 62 21.35 -15.24 -11.34
C GLN A 62 20.82 -13.95 -10.64
N TRP A 63 20.72 -14.01 -9.32
CA TRP A 63 20.29 -12.86 -8.52
C TRP A 63 21.28 -11.69 -8.65
N GLU A 64 22.58 -11.98 -8.54
CA GLU A 64 23.63 -10.96 -8.73
C GLU A 64 23.51 -10.25 -10.08
N LYS A 65 23.34 -11.04 -11.13
CA LYS A 65 23.19 -10.48 -12.48
C LYS A 65 21.93 -9.63 -12.57
N LEU A 66 20.82 -10.15 -12.06
CA LEU A 66 19.58 -9.39 -12.06
C LEU A 66 19.74 -8.06 -11.29
N GLN A 67 20.31 -8.14 -10.09
CA GLN A 67 20.63 -6.94 -9.30
C GLN A 67 21.57 -5.98 -10.01
N HIS A 68 22.62 -6.48 -10.65
CA HIS A 68 23.53 -5.63 -11.36
C HIS A 68 22.83 -4.79 -12.43
N MET A 69 22.01 -5.46 -13.24
CA MET A 69 21.21 -4.80 -14.26
C MET A 69 20.37 -3.63 -13.64
N PHE A 70 19.73 -3.91 -12.50
CA PHE A 70 18.93 -2.90 -11.80
C PHE A 70 19.74 -1.78 -11.19
N GLN A 71 20.92 -2.10 -10.69
CA GLN A 71 21.90 -1.07 -10.23
C GLN A 71 22.32 -0.13 -11.35
N VAL A 72 22.66 -0.71 -12.51
CA VAL A 72 23.02 0.06 -13.71
C VAL A 72 21.82 0.95 -14.10
N TYR A 73 20.64 0.31 -14.19
CA TYR A 73 19.38 1.01 -14.50
C TYR A 73 19.08 2.20 -13.60
N ARG A 74 19.24 2.04 -12.28
CA ARG A 74 18.85 3.12 -11.36
C ARG A 74 19.67 4.38 -11.61
N VAL A 75 20.98 4.21 -11.81
CA VAL A 75 21.87 5.33 -12.12
C VAL A 75 21.58 5.93 -13.50
N SER A 76 21.37 5.06 -14.50
CA SER A 76 21.10 5.54 -15.87
C SER A 76 19.78 6.31 -15.91
N PHE A 77 18.77 5.75 -15.27
CA PHE A 77 17.47 6.42 -15.11
C PHE A 77 17.56 7.83 -14.53
N THR A 78 18.20 7.97 -13.37
CA THR A 78 18.35 9.28 -12.71
C THR A 78 19.02 10.33 -13.62
N ARG A 79 20.09 9.93 -14.29
CA ARG A 79 20.80 10.82 -15.21
C ARG A 79 19.95 11.20 -16.44
N ASP A 80 19.25 10.24 -17.03
CA ASP A 80 18.43 10.50 -18.22
C ASP A 80 17.32 11.49 -17.87
N ILE A 81 16.69 11.31 -16.71
CA ILE A 81 15.60 12.20 -16.30
C ILE A 81 16.12 13.62 -16.09
N GLN A 82 17.24 13.78 -15.41
CA GLN A 82 17.80 15.13 -15.19
C GLN A 82 18.30 15.83 -16.46
N GLU A 83 18.87 15.04 -17.36
CA GLU A 83 19.20 15.51 -18.71
C GLU A 83 17.94 15.97 -19.45
N LEU A 84 16.85 15.24 -19.28
CA LEU A 84 15.60 15.63 -19.92
C LEU A 84 14.94 16.86 -19.29
N VAL A 85 15.19 17.09 -18.00
CA VAL A 85 14.70 18.30 -17.33
C VAL A 85 15.51 19.56 -17.71
N LYS A 86 16.78 19.41 -18.12
CA LYS A 86 17.58 20.55 -18.59
C LYS A 86 17.10 21.04 -19.97
N MET A 87 16.76 20.12 -20.88
CA MET A 87 16.33 20.51 -22.23
C MET A 87 14.87 21.02 -22.25
N MET A 88 13.98 20.35 -21.53
CA MET A 88 12.56 20.72 -21.49
C MET A 88 12.25 22.06 -20.79
N SER A 89 13.14 22.54 -19.92
CA SER A 89 12.92 23.79 -19.18
C SER A 89 12.70 24.97 -20.16
N PRO A 90 11.71 25.86 -19.92
CA PRO A 90 10.76 25.80 -18.81
C PRO A 90 9.34 25.32 -19.22
N LYS A 91 9.25 24.33 -20.14
CA LYS A 91 7.97 23.67 -20.44
C LYS A 91 7.47 23.00 -19.16
N GLU A 92 8.24 22.02 -18.69
CA GLU A 92 8.00 21.34 -17.42
C GLU A 92 9.25 21.50 -16.56
N ASP A 93 9.04 21.86 -15.29
CA ASP A 93 10.14 21.95 -14.34
C ASP A 93 9.82 21.37 -12.97
N TYR A 94 10.83 21.41 -12.10
CA TYR A 94 10.79 20.81 -10.78
C TYR A 94 9.69 21.44 -9.90
N PRO A 95 9.07 20.71 -8.99
CA PRO A 95 9.41 19.33 -8.62
C PRO A 95 8.78 18.29 -9.54
N ILE A 96 9.49 17.21 -9.82
CA ILE A 96 9.01 16.13 -10.69
C ILE A 96 8.92 14.79 -9.93
N GLU A 97 7.78 14.12 -10.11
CA GLU A 97 7.53 12.81 -9.50
C GLU A 97 7.35 11.84 -10.66
N ILE A 98 8.08 10.72 -10.62
CA ILE A 98 7.87 9.63 -11.57
C ILE A 98 7.66 8.31 -10.79
N GLN A 99 6.74 7.50 -11.28
CA GLN A 99 6.40 6.24 -10.69
C GLN A 99 6.43 5.21 -11.77
N LEU A 100 7.02 4.04 -11.50
CA LEU A 100 6.88 2.87 -12.36
C LEU A 100 6.22 1.77 -11.60
N SER A 101 5.38 1.02 -12.29
CA SER A 101 4.77 -0.16 -11.77
C SER A 101 4.95 -1.23 -12.83
N ALA A 102 5.80 -2.19 -12.51
CA ALA A 102 6.13 -3.25 -13.44
C ALA A 102 5.99 -4.60 -12.77
N GLY A 103 5.47 -5.57 -13.51
CA GLY A 103 5.51 -6.94 -13.04
C GLY A 103 4.67 -7.86 -13.90
N CYS A 104 4.06 -8.86 -13.27
CA CYS A 104 3.16 -9.77 -13.98
C CYS A 104 2.04 -10.30 -13.10
N GLU A 105 1.01 -10.77 -13.76
CA GLU A 105 -0.17 -11.37 -13.15
C GLU A 105 -0.13 -12.84 -13.51
N MET A 106 -0.11 -13.72 -12.50
CA MET A 106 -0.03 -15.20 -12.70
C MET A 106 -1.42 -15.82 -12.66
N TYR A 107 -1.77 -16.56 -13.71
CA TYR A 107 -3.11 -17.12 -13.92
C TYR A 107 -3.19 -18.65 -13.66
N PRO A 108 -4.41 -19.25 -13.77
CA PRO A 108 -4.63 -20.71 -13.74
C PRO A 108 -3.55 -21.61 -14.37
N GLY A 109 -2.65 -22.13 -13.52
CA GLY A 109 -1.62 -23.11 -13.91
C GLY A 109 -0.61 -22.63 -14.94
N ASN A 110 -1.09 -22.53 -16.17
CA ASN A 110 -0.29 -22.05 -17.30
C ASN A 110 0.00 -20.53 -17.23
N ALA A 111 -1.02 -19.72 -17.53
CA ALA A 111 -0.82 -18.38 -18.11
C ALA A 111 -0.17 -17.34 -17.19
N SER A 112 0.31 -16.28 -17.84
CA SER A 112 0.97 -15.14 -17.20
C SER A 112 0.93 -13.93 -18.15
N GLU A 113 0.61 -12.74 -17.63
CA GLU A 113 0.71 -11.48 -18.41
C GLU A 113 1.56 -10.48 -17.67
N SER A 114 2.44 -9.80 -18.40
CA SER A 114 3.33 -8.81 -17.81
C SER A 114 2.92 -7.42 -18.18
N PHE A 115 3.40 -6.45 -17.41
CA PHE A 115 3.05 -5.05 -17.61
C PHE A 115 4.18 -4.14 -17.13
N LEU A 116 4.26 -2.96 -17.73
CA LEU A 116 5.19 -1.93 -17.27
C LEU A 116 4.54 -0.59 -17.58
N HIS A 117 4.15 0.11 -16.50
CA HIS A 117 3.44 1.37 -16.60
C HIS A 117 4.20 2.46 -15.90
N VAL A 118 4.14 3.66 -16.46
CA VAL A 118 4.86 4.79 -15.93
C VAL A 118 3.90 5.95 -15.80
N ALA A 119 4.04 6.67 -14.68
CA ALA A 119 3.25 7.86 -14.43
C ALA A 119 4.17 9.04 -14.16
N PHE A 120 3.69 10.23 -14.53
CA PHE A 120 4.41 11.49 -14.36
C PHE A 120 3.45 12.41 -13.61
N GLN A 121 3.92 13.01 -12.52
CA GLN A 121 3.10 13.85 -11.67
C GLN A 121 1.76 13.22 -11.27
N GLY A 122 1.77 11.94 -10.95
CA GLY A 122 0.61 11.22 -10.50
C GLY A 122 -0.29 10.66 -11.57
N LYS A 123 0.09 10.78 -12.84
CA LYS A 123 -0.79 10.43 -13.96
C LYS A 123 -0.08 9.52 -14.94
N TYR A 124 -0.77 8.44 -15.31
CA TYR A 124 -0.30 7.41 -16.24
C TYR A 124 -0.08 8.06 -17.62
N VAL A 125 1.15 7.96 -18.14
CA VAL A 125 1.57 8.60 -19.40
C VAL A 125 2.26 7.67 -20.40
N VAL A 126 2.97 6.65 -19.91
CA VAL A 126 3.78 5.76 -20.76
C VAL A 126 3.58 4.30 -20.35
N ARG A 127 3.65 3.40 -21.32
CA ARG A 127 3.82 1.99 -21.03
C ARG A 127 4.83 1.34 -21.96
N PHE A 128 5.39 0.19 -21.54
CA PHE A 128 6.09 -0.65 -22.49
C PHE A 128 5.07 -1.62 -23.01
N TRP A 129 5.08 -1.87 -24.31
CA TRP A 129 4.08 -2.75 -24.90
C TRP A 129 4.66 -3.52 -26.04
N GLY A 130 4.72 -4.83 -25.87
CA GLY A 130 5.30 -5.75 -26.87
C GLY A 130 6.81 -5.62 -27.02
N THR A 131 7.21 -4.67 -27.84
CA THR A 131 8.62 -4.45 -28.15
C THR A 131 9.06 -2.99 -28.06
N SER A 132 8.19 -2.07 -27.61
CA SER A 132 8.54 -0.66 -27.58
C SER A 132 7.78 0.12 -26.53
N TRP A 133 8.35 1.28 -26.17
CA TRP A 133 7.70 2.26 -25.30
C TRP A 133 6.65 3.04 -26.11
N GLN A 134 5.51 3.29 -25.48
CA GLN A 134 4.42 4.03 -26.07
C GLN A 134 3.91 5.04 -25.07
N THR A 135 3.58 6.23 -25.54
CA THR A 135 2.77 7.15 -24.76
C THR A 135 1.32 6.68 -24.85
N VAL A 136 0.53 6.93 -23.80
CA VAL A 136 -0.89 6.61 -23.86
C VAL A 136 -1.67 7.80 -24.43
N PRO A 137 -2.84 7.54 -25.06
CA PRO A 137 -3.63 8.66 -25.61
C PRO A 137 -3.89 9.72 -24.54
N GLY A 138 -3.64 10.98 -24.84
CA GLY A 138 -3.90 12.06 -23.89
C GLY A 138 -2.67 12.42 -23.08
N ALA A 139 -1.58 11.66 -23.23
CA ALA A 139 -0.31 12.06 -22.62
C ALA A 139 0.19 13.34 -23.26
N PRO A 140 0.96 14.15 -22.51
CA PRO A 140 1.45 15.40 -23.10
C PRO A 140 2.44 15.15 -24.25
N SER A 141 2.29 15.93 -25.31
CA SER A 141 2.97 15.69 -26.56
C SER A 141 4.48 15.89 -26.48
N TRP A 142 4.98 16.72 -25.56
CA TRP A 142 6.43 16.85 -25.38
C TRP A 142 7.16 15.51 -25.06
N LEU A 143 6.44 14.52 -24.53
CA LEU A 143 6.97 13.15 -24.33
C LEU A 143 7.29 12.36 -25.60
N ASP A 144 6.75 12.76 -26.75
CA ASP A 144 6.91 11.97 -27.98
C ASP A 144 8.36 11.83 -28.43
N LEU A 145 9.14 12.91 -28.31
CA LEU A 145 10.56 12.91 -28.68
C LEU A 145 11.47 12.11 -27.72
N PRO A 146 11.35 12.33 -26.40
CA PRO A 146 12.09 11.46 -25.47
C PRO A 146 11.80 9.98 -25.65
N ILE A 147 10.54 9.65 -25.88
CA ILE A 147 10.10 8.27 -26.12
C ILE A 147 10.71 7.71 -27.41
N LYS A 148 10.75 8.51 -28.47
CA LYS A 148 11.45 8.14 -29.70
C LYS A 148 12.94 7.84 -29.41
N VAL A 149 13.61 8.75 -28.73
CA VAL A 149 15.04 8.59 -28.35
C VAL A 149 15.21 7.27 -27.59
N LEU A 150 14.35 7.05 -26.60
CA LEU A 150 14.37 5.80 -25.83
C LEU A 150 14.10 4.55 -26.69
N ASN A 151 13.17 4.65 -27.62
CA ASN A 151 12.86 3.55 -28.55
C ASN A 151 13.98 3.21 -29.55
N ALA A 152 14.85 4.18 -29.84
CA ALA A 152 16.08 3.93 -30.63
C ALA A 152 17.12 3.07 -29.92
N ASP A 153 17.04 2.97 -28.59
CA ASP A 153 17.94 2.13 -27.80
C ASP A 153 17.41 0.72 -27.80
N GLN A 154 17.90 -0.07 -28.76
CA GLN A 154 17.43 -1.43 -28.94
C GLN A 154 17.93 -2.40 -27.87
N GLY A 155 19.07 -2.13 -27.26
CA GLY A 155 19.58 -2.93 -26.16
C GLY A 155 18.66 -2.85 -24.94
N THR A 156 18.18 -1.65 -24.65
CA THR A 156 17.20 -1.46 -23.57
C THR A 156 15.91 -2.23 -23.88
N SER A 157 15.42 -2.10 -25.10
CA SER A 157 14.21 -2.77 -25.52
C SER A 157 14.32 -4.30 -25.40
N ALA A 158 15.43 -4.86 -25.88
CA ALA A 158 15.67 -6.30 -25.71
C ALA A 158 15.69 -6.69 -24.23
N THR A 159 16.37 -5.92 -23.39
CA THR A 159 16.44 -6.28 -21.99
C THR A 159 15.06 -6.24 -21.33
N VAL A 160 14.34 -5.14 -21.56
CA VAL A 160 12.98 -5.01 -21.00
C VAL A 160 12.09 -6.15 -21.50
N GLN A 161 12.19 -6.51 -22.78
CA GLN A 161 11.45 -7.66 -23.32
C GLN A 161 11.77 -8.96 -22.60
N MET A 162 13.05 -9.22 -22.37
CA MET A 162 13.47 -10.38 -21.59
C MET A 162 12.92 -10.33 -20.16
N LEU A 163 13.04 -9.18 -19.50
CA LEU A 163 12.55 -9.04 -18.13
C LEU A 163 11.05 -9.32 -18.00
N LEU A 164 10.25 -8.76 -18.91
CA LEU A 164 8.79 -8.93 -18.90
C LEU A 164 8.34 -10.33 -19.37
N ASN A 165 8.83 -10.77 -20.52
CA ASN A 165 8.40 -12.07 -21.10
C ASN A 165 8.91 -13.27 -20.35
N ASP A 166 10.16 -13.22 -19.87
CA ASP A 166 10.87 -14.38 -19.33
C ASP A 166 11.05 -14.30 -17.83
N THR A 167 11.87 -13.34 -17.41
CA THR A 167 12.40 -13.25 -16.06
C THR A 167 11.27 -13.06 -15.04
N CYS A 168 10.30 -12.23 -15.36
CA CYS A 168 9.21 -11.94 -14.41
C CYS A 168 8.38 -13.20 -14.05
N PRO A 169 7.79 -13.91 -15.05
CA PRO A 169 7.08 -15.16 -14.70
C PRO A 169 7.97 -16.25 -14.09
N LEU A 170 9.21 -16.38 -14.55
CA LEU A 170 10.19 -17.32 -13.96
C LEU A 170 10.42 -17.06 -12.50
N PHE A 171 10.68 -15.80 -12.17
CA PHE A 171 10.99 -15.42 -10.80
C PHE A 171 9.79 -15.72 -9.90
N VAL A 172 8.60 -15.31 -10.33
CA VAL A 172 7.38 -15.46 -9.52
C VAL A 172 7.01 -16.93 -9.24
N ARG A 173 7.15 -17.82 -10.22
CA ARG A 173 6.97 -19.26 -9.97
C ARG A 173 7.81 -19.75 -8.82
N GLY A 174 9.07 -19.31 -8.79
CA GLY A 174 9.98 -19.66 -7.72
C GLY A 174 9.58 -19.10 -6.38
N LEU A 175 9.14 -17.84 -6.37
CA LEU A 175 8.64 -17.22 -5.12
C LEU A 175 7.43 -17.98 -4.56
N LEU A 176 6.49 -18.31 -5.44
CA LEU A 176 5.28 -19.07 -5.06
C LEU A 176 5.60 -20.39 -4.42
N GLU A 177 6.60 -21.07 -4.95
CA GLU A 177 7.10 -22.30 -4.34
C GLU A 177 7.80 -22.03 -3.02
N ALA A 178 8.84 -21.17 -3.05
CA ALA A 178 9.68 -20.93 -1.87
C ALA A 178 8.92 -20.19 -0.75
N GLY A 179 7.86 -19.45 -1.11
CA GLY A 179 7.06 -18.67 -0.17
C GLY A 179 5.72 -19.27 0.21
N LYS A 180 5.48 -20.51 -0.23
CA LYS A 180 4.25 -21.31 0.01
C LYS A 180 3.58 -21.06 1.38
N SER A 181 4.28 -21.37 2.46
CA SER A 181 3.68 -21.31 3.80
C SER A 181 3.31 -19.91 4.27
N ASP A 182 4.01 -18.87 3.82
CA ASP A 182 3.60 -17.50 4.12
C ASP A 182 2.40 -17.12 3.27
N LEU A 183 2.47 -17.42 1.97
CA LEU A 183 1.42 -17.04 1.01
C LEU A 183 0.09 -17.73 1.32
N GLU A 184 0.18 -18.96 1.82
CA GLU A 184 -1.01 -19.72 2.18
C GLU A 184 -1.29 -19.73 3.68
N LYS A 185 -0.58 -18.92 4.47
CA LYS A 185 -0.89 -18.75 5.89
C LYS A 185 -2.36 -18.35 6.14
N GLN A 186 -2.85 -18.76 7.32
CA GLN A 186 -4.19 -18.45 7.78
C GLN A 186 -4.07 -17.86 9.20
N GLU A 187 -4.44 -16.58 9.36
CA GLU A 187 -4.43 -15.92 10.68
C GLU A 187 -5.89 -15.58 11.02
N LYS A 188 -6.26 -15.78 12.27
CA LYS A 188 -7.66 -15.67 12.68
C LYS A 188 -8.04 -14.25 13.05
N PRO A 189 -9.23 -13.83 12.62
CA PRO A 189 -9.72 -12.52 13.06
C PRO A 189 -10.10 -12.60 14.52
N VAL A 190 -9.85 -11.49 15.22
CA VAL A 190 -10.43 -11.22 16.53
C VAL A 190 -11.35 -10.03 16.31
N ALA A 191 -12.56 -10.10 16.87
CA ALA A 191 -13.57 -9.08 16.65
C ALA A 191 -13.95 -8.40 17.95
N TRP A 192 -14.41 -7.15 17.87
CA TRP A 192 -14.99 -6.48 19.02
C TRP A 192 -15.93 -5.39 18.57
N LEU A 193 -16.80 -4.98 19.50
CA LEU A 193 -17.86 -4.03 19.23
C LEU A 193 -17.62 -2.75 19.99
N SER A 194 -17.91 -1.64 19.35
CA SER A 194 -17.92 -0.34 20.02
C SER A 194 -18.98 0.55 19.39
N SER A 195 -19.07 1.79 19.88
CA SER A 195 -19.96 2.77 19.28
C SER A 195 -19.33 4.15 19.34
N VAL A 196 -19.73 5.00 18.39
CA VAL A 196 -19.25 6.37 18.30
C VAL A 196 -20.40 7.30 17.96
N PRO A 197 -20.22 8.63 18.20
CA PRO A 197 -21.30 9.55 17.84
C PRO A 197 -21.64 9.46 16.36
N SER A 198 -22.93 9.52 16.04
CA SER A 198 -23.41 9.48 14.65
C SER A 198 -23.41 10.91 14.10
N SER A 199 -23.27 11.08 12.79
CA SER A 199 -23.55 12.38 12.17
C SER A 199 -25.06 12.67 12.03
N ALA A 200 -25.91 11.64 12.23
CA ALA A 200 -27.37 11.79 12.23
C ALA A 200 -27.87 11.92 13.65
N HIS A 201 -28.79 12.87 13.87
CA HIS A 201 -29.40 13.08 15.17
C HIS A 201 -30.24 11.87 15.62
N GLY A 202 -30.26 11.63 16.93
CA GLY A 202 -31.02 10.53 17.53
C GLY A 202 -30.53 9.11 17.22
N HIS A 203 -29.32 9.02 16.70
CA HIS A 203 -28.75 7.77 16.26
C HIS A 203 -27.45 7.56 17.02
N ARG A 204 -27.02 6.29 17.10
CA ARG A 204 -25.61 5.99 17.33
C ARG A 204 -25.10 5.10 16.22
N GLN A 205 -23.80 5.19 15.97
CA GLN A 205 -23.10 4.34 15.01
C GLN A 205 -22.41 3.20 15.78
N LEU A 206 -22.94 2.00 15.61
CA LEU A 206 -22.35 0.75 16.10
C LEU A 206 -21.20 0.32 15.16
N VAL A 207 -20.11 -0.16 15.74
CA VAL A 207 -18.89 -0.50 15.01
C VAL A 207 -18.52 -1.91 15.36
N CYS A 208 -18.43 -2.76 14.36
CA CYS A 208 -17.85 -4.07 14.51
C CYS A 208 -16.45 -4.02 13.90
N HIS A 209 -15.43 -4.24 14.74
CA HIS A 209 -14.04 -4.23 14.30
C HIS A 209 -13.56 -5.68 14.13
N VAL A 210 -12.81 -5.94 13.07
CA VAL A 210 -12.27 -7.28 12.81
C VAL A 210 -10.79 -7.10 12.49
N SER A 211 -9.90 -7.67 13.31
CA SER A 211 -8.44 -7.46 13.16
C SER A 211 -7.62 -8.73 13.33
N GLY A 212 -6.53 -8.81 12.57
CA GLY A 212 -5.56 -9.86 12.68
C GLY A 212 -5.76 -10.98 11.69
N PHE A 213 -6.66 -10.81 10.73
CA PHE A 213 -6.99 -11.89 9.82
C PHE A 213 -6.10 -11.89 8.58
N TYR A 214 -5.86 -13.09 8.06
CA TYR A 214 -5.13 -13.27 6.83
C TYR A 214 -5.59 -14.60 6.25
N PRO A 215 -5.89 -14.72 4.96
CA PRO A 215 -5.79 -13.69 3.93
C PRO A 215 -6.96 -12.70 3.93
N LYS A 216 -7.02 -11.84 2.94
CA LYS A 216 -7.94 -10.71 2.89
C LYS A 216 -9.44 -11.05 2.90
N PRO A 217 -9.86 -12.03 2.08
CA PRO A 217 -11.31 -12.24 2.03
C PRO A 217 -11.92 -12.50 3.43
N VAL A 218 -13.03 -11.83 3.77
CA VAL A 218 -13.67 -11.93 5.09
C VAL A 218 -15.19 -11.70 5.08
N VAL A 220 -18.27 -10.04 7.11
CA VAL A 220 -18.74 -9.18 8.23
C VAL A 220 -20.11 -8.51 8.02
N MET A 221 -21.08 -8.81 8.89
CA MET A 221 -22.44 -8.30 8.78
C MET A 221 -23.08 -8.07 10.13
N TRP A 222 -23.77 -6.95 10.27
CA TRP A 222 -24.68 -6.78 11.37
C TRP A 222 -25.95 -7.57 11.09
N MET A 223 -26.48 -8.19 12.15
CA MET A 223 -27.58 -9.15 12.09
C MET A 223 -28.63 -8.87 13.18
N ARG A 224 -29.88 -9.09 12.84
CA ARG A 224 -30.91 -9.24 13.85
C ARG A 224 -31.48 -10.64 13.61
N GLY A 225 -31.13 -11.58 14.49
CA GLY A 225 -31.39 -13.01 14.26
C GLY A 225 -30.70 -13.53 13.01
N ASP A 226 -31.48 -14.17 12.12
CA ASP A 226 -31.02 -14.53 10.77
C ASP A 226 -31.09 -13.38 9.77
N GLN A 227 -31.63 -12.22 10.14
CA GLN A 227 -31.81 -11.13 9.19
C GLN A 227 -30.53 -10.28 9.10
N GLU A 228 -29.94 -10.27 7.93
CA GLU A 228 -28.87 -9.32 7.62
C GLU A 228 -29.39 -7.92 7.65
N GLN A 229 -28.66 -7.01 8.29
CA GLN A 229 -29.01 -5.59 8.36
C GLN A 229 -28.33 -4.89 7.20
N GLN A 230 -29.16 -4.46 6.25
CA GLN A 230 -28.69 -3.88 5.02
C GLN A 230 -28.05 -2.50 5.21
N GLY A 231 -28.26 -1.90 6.37
CA GLY A 231 -27.51 -0.70 6.80
C GLY A 231 -26.01 -0.89 7.12
N THR A 232 -25.56 -2.14 7.25
CA THR A 232 -24.14 -2.45 7.41
C THR A 232 -23.29 -1.76 6.34
N HIS A 233 -22.42 -0.86 6.81
CA HIS A 233 -21.48 -0.14 5.98
C HIS A 233 -20.06 -0.66 6.25
N ARG A 234 -19.61 -1.50 5.35
CA ARG A 234 -18.27 -2.07 5.43
C ARG A 234 -17.23 -1.02 5.02
N GLY A 235 -16.16 -0.88 5.80
CA GLY A 235 -15.09 0.07 5.48
C GLY A 235 -14.09 -0.60 4.56
N ASP A 236 -12.96 0.05 4.32
CA ASP A 236 -11.88 -0.53 3.51
C ASP A 236 -11.00 -1.47 4.34
N PHE A 237 -10.27 -2.33 3.65
CA PHE A 237 -9.23 -3.14 4.26
C PHE A 237 -8.03 -2.24 4.63
N LEU A 238 -7.68 -2.23 5.91
CA LEU A 238 -6.61 -1.41 6.46
C LEU A 238 -5.50 -2.35 6.95
N PRO A 239 -4.22 -2.06 6.64
CA PRO A 239 -3.18 -3.04 7.04
C PRO A 239 -2.82 -2.91 8.51
N ASN A 240 -2.54 -4.03 9.16
CA ASN A 240 -1.88 -4.04 10.45
C ASN A 240 -0.37 -4.08 10.15
N ALA A 241 0.48 -3.81 11.15
CA ALA A 241 1.95 -3.81 10.93
C ALA A 241 2.60 -5.21 10.87
N ASP A 242 1.84 -6.25 11.19
CA ASP A 242 2.34 -7.64 11.29
C ASP A 242 1.79 -8.49 10.15
N GLU A 243 1.53 -7.86 8.99
CA GLU A 243 1.04 -8.57 7.81
C GLU A 243 -0.27 -9.34 8.06
N THR A 244 -1.16 -8.68 8.79
CA THR A 244 -2.54 -9.07 8.85
C THR A 244 -3.39 -7.87 8.52
N TRP A 245 -4.69 -8.10 8.43
CA TRP A 245 -5.64 -7.11 7.97
C TRP A 245 -6.62 -6.69 9.07
N TYR A 246 -7.11 -5.47 8.93
CA TYR A 246 -8.11 -4.88 9.79
C TYR A 246 -9.26 -4.39 8.88
N LEU A 247 -10.50 -4.58 9.34
CA LEU A 247 -11.69 -4.05 8.68
C LEU A 247 -12.71 -3.74 9.75
N GLN A 248 -13.50 -2.69 9.58
CA GLN A 248 -14.68 -2.49 10.42
C GLN A 248 -15.95 -2.31 9.58
N ALA A 249 -17.08 -2.66 10.20
CA ALA A 249 -18.40 -2.55 9.60
C ALA A 249 -19.27 -1.78 10.59
N THR A 250 -19.91 -0.71 10.11
CA THR A 250 -20.70 0.16 10.97
C THR A 250 -22.16 0.02 10.69
N LEU A 251 -22.97 0.45 11.65
CA LEU A 251 -24.41 0.42 11.53
C LEU A 251 -24.96 1.57 12.35
N ASP A 252 -25.62 2.52 11.69
CA ASP A 252 -26.23 3.65 12.33
C ASP A 252 -27.62 3.27 12.76
N VAL A 253 -27.88 3.35 14.06
CA VAL A 253 -29.04 2.75 14.70
C VAL A 253 -29.78 3.79 15.55
N GLU A 254 -31.11 3.77 15.53
CA GLU A 254 -31.92 4.58 16.47
C GLU A 254 -31.72 4.08 17.89
N ALA A 255 -31.73 4.98 18.87
CA ALA A 255 -31.65 4.58 20.28
C ALA A 255 -32.75 3.58 20.62
N GLY A 256 -32.42 2.46 21.25
CA GLY A 256 -33.42 1.49 21.68
C GLY A 256 -33.70 0.39 20.67
N GLU A 257 -33.66 0.74 19.39
CA GLU A 257 -33.44 -0.23 18.30
C GLU A 257 -32.12 -1.04 18.42
N GLU A 258 -31.23 -0.64 19.34
CA GLU A 258 -29.94 -1.31 19.56
C GLU A 258 -30.00 -2.75 20.03
N ALA A 259 -30.95 -3.06 20.91
CA ALA A 259 -31.11 -4.40 21.47
C ALA A 259 -31.42 -5.41 20.37
N GLY A 260 -30.84 -6.62 20.50
CA GLY A 260 -31.04 -7.72 19.56
C GLY A 260 -30.05 -7.75 18.38
N LEU A 261 -29.18 -6.75 18.28
CA LEU A 261 -28.24 -6.69 17.19
C LEU A 261 -27.02 -7.54 17.51
N ALA A 262 -26.51 -8.25 16.49
CA ALA A 262 -25.27 -9.00 16.56
C ALA A 262 -24.39 -8.70 15.34
N CYS A 263 -23.09 -8.93 15.48
CA CYS A 263 -22.15 -8.86 14.39
C CYS A 263 -21.62 -10.25 14.16
N ARG A 264 -21.74 -10.72 12.94
CA ARG A 264 -21.26 -12.03 12.53
C ARG A 264 -20.09 -11.92 11.56
N VAL A 265 -19.05 -12.72 11.79
CA VAL A 265 -17.85 -12.70 10.99
C VAL A 265 -17.53 -14.11 10.48
N LYS A 266 -17.27 -14.20 9.18
CA LYS A 266 -16.89 -15.44 8.50
C LYS A 266 -15.51 -15.24 7.93
N HIS A 267 -14.63 -16.23 8.10
CA HIS A 267 -13.30 -16.18 7.53
C HIS A 267 -12.76 -17.59 7.34
N SER A 268 -12.01 -17.78 6.26
CA SER A 268 -11.43 -19.07 5.89
C SER A 268 -10.68 -19.78 7.04
N SER A 269 -10.07 -19.01 7.93
CA SER A 269 -9.25 -19.53 9.04
C SER A 269 -10.03 -20.09 10.23
N LEU A 270 -11.32 -19.82 10.28
CA LEU A 270 -12.16 -20.26 11.38
C LEU A 270 -12.83 -21.60 11.10
N GLY A 271 -12.77 -22.06 9.85
CA GLY A 271 -13.23 -23.41 9.46
C GLY A 271 -14.67 -23.74 9.77
N GLY A 272 -15.60 -22.96 9.21
CA GLY A 272 -17.04 -23.12 9.47
C GLY A 272 -17.59 -22.46 10.73
N GLN A 273 -16.72 -22.00 11.63
CA GLN A 273 -17.09 -21.58 12.98
C GLN A 273 -17.04 -20.03 13.12
N ASP A 274 -18.13 -19.38 12.71
CA ASP A 274 -18.21 -17.91 12.66
C ASP A 274 -18.10 -17.26 14.03
N ILE A 275 -17.48 -16.11 14.12
CA ILE A 275 -17.58 -15.33 15.33
C ILE A 275 -18.92 -14.56 15.31
N ILE A 276 -19.63 -14.61 16.44
CA ILE A 276 -20.84 -13.81 16.64
C ILE A 276 -20.74 -13.08 17.96
N LEU A 277 -20.72 -11.76 17.90
CA LEU A 277 -20.78 -10.93 19.07
C LEU A 277 -22.15 -10.23 19.14
N TYR A 278 -22.63 -10.02 20.36
CA TYR A 278 -23.93 -9.41 20.64
C TYR A 278 -23.73 -8.07 21.29
N TRP A 279 -24.50 -7.08 20.84
CA TRP A 279 -24.46 -5.75 21.37
C TRP A 279 -25.22 -5.72 22.70
N GLN B 2 -1.75 17.48 -7.11
CA GLN B 2 -1.75 17.27 -5.63
C GLN B 2 -2.97 16.51 -5.17
N LYS B 3 -2.78 15.62 -4.22
CA LYS B 3 -3.88 14.90 -3.60
C LYS B 3 -3.73 14.96 -2.10
N THR B 4 -4.87 15.20 -1.45
CA THR B 4 -4.97 15.35 -0.01
C THR B 4 -4.97 14.00 0.74
N PRO B 5 -4.11 13.83 1.75
CA PRO B 5 -4.14 12.56 2.48
C PRO B 5 -5.44 12.31 3.25
N GLN B 6 -5.90 11.07 3.19
CA GLN B 6 -6.91 10.54 4.07
C GLN B 6 -6.20 9.80 5.20
N ILE B 7 -6.75 9.90 6.41
CA ILE B 7 -6.14 9.37 7.60
C ILE B 7 -7.15 8.50 8.37
N GLN B 8 -6.72 7.27 8.74
CA GLN B 8 -7.54 6.38 9.55
C GLN B 8 -6.71 5.89 10.74
N VAL B 9 -7.30 5.93 11.93
CA VAL B 9 -6.62 5.53 13.16
C VAL B 9 -7.37 4.36 13.78
N TYR B 10 -6.65 3.30 14.12
CA TYR B 10 -7.29 2.08 14.66
C TYR B 10 -6.28 1.29 15.47
N SER B 11 -6.78 0.52 16.44
CA SER B 11 -5.95 -0.38 17.27
C SER B 11 -5.85 -1.77 16.61
N ARG B 12 -4.70 -2.39 16.80
CA ARG B 12 -4.44 -3.79 16.40
C ARG B 12 -5.33 -4.82 17.07
N HIS B 13 -5.53 -4.65 18.37
CA HIS B 13 -6.22 -5.59 19.21
C HIS B 13 -7.37 -4.85 19.88
N PRO B 14 -8.39 -5.60 20.35
CA PRO B 14 -9.43 -4.95 21.15
C PRO B 14 -8.82 -4.16 22.31
N PRO B 15 -9.19 -2.88 22.46
CA PRO B 15 -8.61 -2.11 23.59
C PRO B 15 -9.14 -2.56 24.93
N GLU B 16 -8.24 -2.77 25.88
CA GLU B 16 -8.56 -2.90 27.30
C GLU B 16 -7.59 -2.02 28.06
N ASN B 17 -8.11 -1.28 29.03
CA ASN B 17 -7.30 -0.32 29.75
C ASN B 17 -6.24 -1.01 30.53
N GLY B 18 -5.04 -0.45 30.48
CA GLY B 18 -3.88 -1.03 31.11
C GLY B 18 -3.29 -2.23 30.40
N LYS B 19 -3.77 -2.62 29.22
CA LYS B 19 -3.11 -3.72 28.49
C LYS B 19 -2.36 -3.17 27.26
N PRO B 20 -1.06 -3.54 27.13
CA PRO B 20 -0.27 -3.20 25.93
C PRO B 20 -1.00 -3.54 24.61
N ASN B 21 -0.89 -2.65 23.62
CA ASN B 21 -1.64 -2.77 22.36
C ASN B 21 -0.81 -2.04 21.30
N ILE B 22 -1.28 -1.97 20.06
CA ILE B 22 -0.60 -1.22 19.00
C ILE B 22 -1.63 -0.33 18.30
N LEU B 23 -1.28 0.97 18.17
CA LEU B 23 -2.12 1.95 17.49
C LEU B 23 -1.56 2.25 16.10
N ASN B 24 -2.43 2.15 15.09
CA ASN B 24 -2.07 2.27 13.68
C ASN B 24 -2.65 3.56 13.12
N CYS B 25 -1.85 4.27 12.34
CA CYS B 25 -2.32 5.41 11.62
C CYS B 25 -2.00 5.17 10.13
N TYR B 26 -3.04 4.85 9.35
CA TYR B 26 -2.92 4.57 7.92
C TYR B 26 -3.26 5.80 7.09
N VAL B 27 -2.28 6.27 6.32
CA VAL B 27 -2.39 7.51 5.55
C VAL B 27 -2.36 7.16 4.05
N THR B 28 -3.40 7.56 3.32
CA THR B 28 -3.62 7.14 1.93
C THR B 28 -3.95 8.32 1.03
N GLN B 29 -4.00 8.04 -0.28
CA GLN B 29 -4.59 8.93 -1.30
C GLN B 29 -3.86 10.28 -1.46
N PHE B 30 -2.57 10.31 -1.19
CA PHE B 30 -1.84 11.56 -1.26
C PHE B 30 -0.84 11.60 -2.40
N HIS B 31 -0.54 12.82 -2.79
CA HIS B 31 0.44 13.10 -3.83
C HIS B 31 0.80 14.58 -3.68
N PRO B 32 2.09 14.96 -3.60
CA PRO B 32 3.27 14.10 -3.80
C PRO B 32 3.65 13.24 -2.60
N PRO B 33 4.64 12.36 -2.77
CA PRO B 33 4.92 11.43 -1.68
C PRO B 33 5.54 12.02 -0.42
N HIS B 34 5.95 13.27 -0.43
CA HIS B 34 6.66 13.86 0.72
C HIS B 34 5.61 14.27 1.75
N ILE B 35 5.78 13.82 2.98
CA ILE B 35 4.74 13.87 4.00
C ILE B 35 5.36 13.76 5.38
N GLU B 36 4.71 14.35 6.38
CA GLU B 36 5.13 14.19 7.75
C GLU B 36 3.97 13.72 8.60
N ILE B 37 4.20 12.64 9.32
CA ILE B 37 3.18 11.93 10.10
C ILE B 37 3.71 11.85 11.53
N GLN B 38 2.85 12.26 12.48
CA GLN B 38 3.14 12.23 13.89
C GLN B 38 1.99 11.59 14.62
N MET B 39 2.31 10.74 15.59
CA MET B 39 1.27 10.21 16.45
C MET B 39 1.43 10.94 17.77
N LEU B 40 0.29 11.28 18.38
CA LEU B 40 0.21 12.13 19.57
C LEU B 40 -0.50 11.41 20.69
N LYS B 41 -0.04 11.68 21.90
CA LYS B 41 -0.64 11.21 23.13
C LYS B 41 -0.91 12.43 24.01
N ASN B 42 -2.17 12.67 24.34
CA ASN B 42 -2.55 13.86 25.13
C ASN B 42 -1.95 15.15 24.57
N GLY B 43 -1.99 15.28 23.24
CA GLY B 43 -1.47 16.44 22.51
C GLY B 43 0.01 16.48 22.20
N LYS B 44 0.80 15.52 22.70
CA LYS B 44 2.26 15.51 22.58
C LYS B 44 2.75 14.36 21.71
N LYS B 45 3.76 14.67 20.90
CA LYS B 45 4.36 13.75 19.97
C LYS B 45 4.93 12.49 20.66
N ILE B 46 4.55 11.32 20.15
CA ILE B 46 5.06 10.05 20.63
C ILE B 46 6.41 9.88 19.95
N PRO B 47 7.47 9.66 20.73
CA PRO B 47 8.81 9.67 20.16
C PRO B 47 9.12 8.49 19.23
N LYS B 48 8.74 7.28 19.60
CA LYS B 48 9.08 6.09 18.82
C LYS B 48 7.86 5.52 18.09
N VAL B 49 7.74 5.97 16.83
CA VAL B 49 6.72 5.54 15.91
C VAL B 49 7.42 4.83 14.75
N GLU B 50 6.98 3.63 14.41
CA GLU B 50 7.51 2.86 13.28
C GLU B 50 6.70 3.17 12.01
N MET B 51 7.38 3.23 10.88
CA MET B 51 6.84 3.61 9.60
C MET B 51 7.05 2.46 8.62
N SER B 52 6.01 2.02 7.92
CA SER B 52 6.20 1.08 6.80
C SER B 52 6.97 1.80 5.70
N ASP B 53 7.40 1.05 4.70
CA ASP B 53 7.92 1.67 3.48
C ASP B 53 6.78 2.36 2.75
N MET B 54 7.11 3.49 2.10
CA MET B 54 6.17 4.15 1.22
C MET B 54 5.85 3.23 0.06
N SER B 55 4.56 3.19 -0.30
CA SER B 55 4.12 2.45 -1.47
C SER B 55 3.02 3.21 -2.21
N PHE B 56 2.49 2.63 -3.27
CA PHE B 56 1.37 3.23 -3.97
C PHE B 56 0.38 2.24 -4.57
N SER B 57 -0.82 2.74 -4.85
CA SER B 57 -1.96 1.92 -5.29
C SER B 57 -2.01 1.88 -6.79
N LYS B 58 -2.93 1.04 -7.30
CA LYS B 58 -3.27 1.00 -8.72
C LYS B 58 -3.54 2.36 -9.30
N ASP B 59 -4.20 3.22 -8.52
CA ASP B 59 -4.50 4.58 -8.95
C ASP B 59 -3.34 5.59 -8.85
N TRP B 60 -2.14 5.11 -8.49
CA TRP B 60 -0.92 5.90 -8.36
C TRP B 60 -0.79 6.72 -7.08
N SER B 61 -1.85 6.84 -6.29
CA SER B 61 -1.75 7.60 -5.04
C SER B 61 -0.93 6.82 -3.99
N PHE B 62 -0.23 7.57 -3.16
CA PHE B 62 0.65 6.99 -2.17
C PHE B 62 -0.07 6.55 -0.90
N TYR B 63 0.55 5.60 -0.22
CA TYR B 63 0.10 5.21 1.12
C TYR B 63 1.28 4.73 1.96
N ILE B 64 1.09 4.81 3.27
CA ILE B 64 2.10 4.43 4.24
C ILE B 64 1.36 4.19 5.55
N LEU B 65 1.87 3.23 6.31
CA LEU B 65 1.36 2.87 7.63
C LEU B 65 2.33 3.35 8.73
N ALA B 66 1.83 4.15 9.67
CA ALA B 66 2.58 4.39 10.92
C ALA B 66 1.96 3.59 12.06
N HIS B 67 2.79 3.11 12.99
CA HIS B 67 2.29 2.42 14.16
C HIS B 67 3.19 2.63 15.37
N THR B 68 2.57 2.53 16.54
CA THR B 68 3.27 2.67 17.79
C THR B 68 2.63 1.82 18.89
N GLU B 69 3.49 1.38 19.80
CA GLU B 69 3.06 0.65 20.98
C GLU B 69 2.38 1.61 21.93
N PHE B 70 1.27 1.17 22.49
CA PHE B 70 0.58 1.98 23.47
C PHE B 70 -0.23 1.09 24.39
N THR B 71 -0.57 1.64 25.54
CA THR B 71 -1.40 0.95 26.50
C THR B 71 -2.50 1.93 26.87
N PRO B 72 -3.74 1.71 26.37
CA PRO B 72 -4.80 2.70 26.65
C PRO B 72 -5.19 2.75 28.12
N THR B 73 -5.73 3.89 28.51
CA THR B 73 -6.30 4.10 29.84
C THR B 73 -7.64 4.78 29.62
N GLU B 74 -8.36 5.03 30.70
CA GLU B 74 -9.63 5.73 30.63
C GLU B 74 -9.49 7.18 30.15
N THR B 75 -8.38 7.84 30.47
CA THR B 75 -8.29 9.28 30.25
C THR B 75 -7.26 9.73 29.24
N ASP B 76 -6.52 8.82 28.60
CA ASP B 76 -5.52 9.22 27.62
C ASP B 76 -6.21 9.33 26.26
N THR B 77 -5.92 10.40 25.51
CA THR B 77 -6.40 10.53 24.12
C THR B 77 -5.22 10.37 23.14
N TYR B 78 -5.53 9.78 22.00
CA TYR B 78 -4.54 9.50 20.98
C TYR B 78 -5.02 10.07 19.67
N ALA B 79 -4.06 10.55 18.88
CA ALA B 79 -4.32 11.11 17.56
C ALA B 79 -3.17 10.86 16.61
N CYS B 80 -3.42 11.13 15.34
CA CYS B 80 -2.44 11.10 14.30
C CYS B 80 -2.56 12.40 13.51
N ARG B 81 -1.47 13.11 13.39
CA ARG B 81 -1.41 14.42 12.74
C ARG B 81 -0.49 14.33 11.54
N VAL B 82 -0.94 14.87 10.41
CA VAL B 82 -0.24 14.76 9.14
C VAL B 82 -0.02 16.14 8.54
N LYS B 83 1.19 16.41 8.10
CA LYS B 83 1.53 17.64 7.39
C LYS B 83 1.84 17.28 5.94
N HIS B 84 1.27 18.04 5.01
CA HIS B 84 1.44 17.75 3.59
C HIS B 84 1.15 18.99 2.74
N ALA B 85 1.84 19.12 1.63
CA ALA B 85 1.76 20.33 0.78
C ALA B 85 0.35 20.62 0.20
N SER B 86 -0.50 19.59 0.08
CA SER B 86 -1.92 19.77 -0.28
C SER B 86 -2.78 20.52 0.72
N MET B 87 -2.33 20.68 1.97
CA MET B 87 -3.16 21.29 2.99
C MET B 87 -2.40 22.39 3.65
N ALA B 88 -3.03 23.57 3.73
CA ALA B 88 -2.45 24.71 4.41
C ALA B 88 -2.27 24.40 5.90
N GLU B 89 -3.24 23.68 6.47
CA GLU B 89 -3.22 23.30 7.90
C GLU B 89 -2.95 21.80 8.07
N PRO B 90 -2.16 21.40 9.11
CA PRO B 90 -2.05 19.98 9.45
C PRO B 90 -3.41 19.36 9.78
N LYS B 91 -3.64 18.16 9.29
CA LYS B 91 -4.86 17.43 9.55
C LYS B 91 -4.63 16.45 10.72
N THR B 92 -5.52 16.48 11.72
CA THR B 92 -5.44 15.61 12.90
C THR B 92 -6.68 14.70 12.92
N VAL B 93 -6.47 13.40 13.10
CA VAL B 93 -7.56 12.46 13.27
C VAL B 93 -7.36 11.79 14.63
N TYR B 94 -8.42 11.78 15.45
CA TYR B 94 -8.41 11.18 16.77
C TYR B 94 -8.83 9.73 16.73
N TRP B 95 -8.14 8.90 17.49
CA TRP B 95 -8.60 7.55 17.77
C TRP B 95 -9.93 7.62 18.53
N ASP B 96 -10.90 6.83 18.08
CA ASP B 96 -12.25 6.77 18.66
C ASP B 96 -12.36 6.00 19.99
N ARG B 97 -12.99 6.62 21.00
CA ARG B 97 -12.96 6.11 22.40
C ARG B 97 -11.53 5.93 22.92
#